data_4DCE
#
_entry.id   4DCE
#
_cell.length_a   51.612
_cell.length_b   104.819
_cell.length_c   57.817
_cell.angle_alpha   90.000
_cell.angle_beta   90.150
_cell.angle_gamma   90.000
#
_symmetry.space_group_name_H-M   'P 1 21 1'
#
loop_
_entity.id
_entity.type
_entity.pdbx_description
1 polymer 'ALK tyrosine kinase receptor'
2 non-polymer (3S)-N-(4-methylbenzyl)-1-{2-[(3,4,5-trimethoxyphenyl)amino]pyrimidin-4-yl}piperidine-3-carboxamide
3 water water
#
_entity_poly.entity_id   1
_entity_poly.type   'polypeptide(L)'
_entity_poly.pdbx_seq_one_letter_code
;YKLSKLRTSTIMTDYNPNYSFAGKTSSISDLKEVPRKNITLIRGLGHGAFGEVYEGQVSGMPNDPSPLQVAVKTLPEVCS
EQDELDFLMEALIISKFNHQNIVRCIGVSLQSLPRFILLELMAGGDLKSFLRETRPRPSQPSSLAMLDLLHVARDIACGC
QYLEENHFIHRDIAARNCLLTCPGPGRVAKIGDFGMARDIYRASYYRKGGCAMLPVKWMPPEAFMEGIFTSKTDTWSFGV
LLWEIFSLGYMPYPSKSNQEVLEFVTSGGRMDPPKNCPGPVYRIMTQCWQHQPEDRPNFAIILERIEYCTQDPDVINTAL
PIEYGPLVEEEEK
;
_entity_poly.pdbx_strand_id   A,B
#
loop_
_chem_comp.id
_chem_comp.type
_chem_comp.name
_chem_comp.formula
0JF non-polymer (3S)-N-(4-methylbenzyl)-1-{2-[(3,4,5-trimethoxyphenyl)amino]pyrimidin-4-yl}piperidine-3-carboxamide 'C27 H33 N5 O4'
#
# COMPACT_ATOMS: atom_id res chain seq x y z
N ASN A 16 -0.47 8.91 -28.28
CA ASN A 16 0.43 9.89 -27.61
C ASN A 16 0.00 11.35 -27.83
N PRO A 17 -0.66 11.95 -26.82
CA PRO A 17 -0.92 13.38 -26.83
C PRO A 17 0.19 14.19 -26.14
N ASN A 18 0.42 15.40 -26.62
CA ASN A 18 1.43 16.31 -26.06
C ASN A 18 0.82 17.26 -25.04
N TYR A 19 1.63 17.69 -24.07
CA TYR A 19 1.19 18.64 -23.05
C TYR A 19 2.12 19.85 -22.94
N SER A 20 1.52 21.03 -22.84
CA SER A 20 2.25 22.30 -22.85
C SER A 20 2.16 23.02 -21.51
N PHE A 21 3.31 23.30 -20.90
CA PHE A 21 3.38 23.97 -19.61
C PHE A 21 4.60 24.86 -19.54
N ALA A 22 4.37 26.13 -19.27
CA ALA A 22 5.43 27.14 -19.25
C ALA A 22 6.20 27.16 -20.58
N GLY A 23 5.45 27.03 -21.68
CA GLY A 23 5.97 27.06 -23.04
C GLY A 23 6.76 25.85 -23.49
N LYS A 24 6.89 24.87 -22.60
CA LYS A 24 7.61 23.65 -22.89
C LYS A 24 6.61 22.53 -23.15
N THR A 25 6.84 21.77 -24.21
CA THR A 25 5.97 20.67 -24.57
C THR A 25 6.63 19.34 -24.20
N SER A 26 5.85 18.47 -23.57
CA SER A 26 6.31 17.15 -23.15
C SER A 26 5.31 16.10 -23.55
N SER A 27 5.77 14.87 -23.74
CA SER A 27 4.90 13.75 -24.10
C SER A 27 5.19 12.54 -23.20
N ILE A 28 4.43 11.46 -23.40
CA ILE A 28 4.61 10.20 -22.64
C ILE A 28 6.08 9.79 -22.49
N SER A 29 6.86 9.99 -23.55
CA SER A 29 8.26 9.56 -23.58
C SER A 29 9.22 10.39 -22.72
N ASP A 30 8.78 11.56 -22.27
CA ASP A 30 9.61 12.40 -21.39
C ASP A 30 9.43 12.05 -19.90
N LEU A 31 8.39 11.28 -19.59
CA LEU A 31 8.14 10.83 -18.22
C LEU A 31 9.26 9.88 -17.75
N LYS A 32 9.60 9.97 -16.46
CA LYS A 32 10.67 9.14 -15.91
C LYS A 32 10.14 7.75 -15.55
N GLU A 33 10.38 6.79 -16.43
CA GLU A 33 9.95 5.40 -16.21
C GLU A 33 10.82 4.72 -15.17
N VAL A 34 10.17 4.19 -14.13
CA VAL A 34 10.85 3.43 -13.08
C VAL A 34 10.60 1.95 -13.35
N PRO A 35 11.68 1.13 -13.44
CA PRO A 35 11.51 -0.31 -13.66
C PRO A 35 10.60 -0.92 -12.61
N ARG A 36 9.62 -1.70 -13.05
CA ARG A 36 8.61 -2.29 -12.16
C ARG A 36 9.21 -3.10 -11.00
N LYS A 37 10.30 -3.81 -11.27
CA LYS A 37 10.99 -4.62 -10.24
C LYS A 37 11.58 -3.79 -9.10
N ASN A 38 11.80 -2.50 -9.34
CA ASN A 38 12.30 -1.58 -8.30
C ASN A 38 11.20 -1.09 -7.34
N ILE A 39 9.94 -1.27 -7.74
CA ILE A 39 8.79 -0.78 -6.99
C ILE A 39 8.15 -1.88 -6.14
N THR A 40 7.97 -1.60 -4.85
CA THR A 40 7.25 -2.52 -3.97
C THR A 40 6.12 -1.79 -3.23
N LEU A 41 4.93 -2.38 -3.28
CA LEU A 41 3.75 -1.87 -2.57
C LEU A 41 3.72 -2.39 -1.13
N ILE A 42 3.45 -1.49 -0.19
CA ILE A 42 3.51 -1.81 1.24
C ILE A 42 2.13 -1.93 1.89
N ARG A 43 1.28 -0.93 1.70
CA ARG A 43 -0.10 -0.96 2.20
C ARG A 43 -1.00 0.01 1.43
N GLY A 44 -2.31 -0.22 1.49
CA GLY A 44 -3.28 0.69 0.90
C GLY A 44 -3.40 1.99 1.66
N LEU A 45 -3.79 3.06 0.97
CA LEU A 45 -4.04 4.36 1.59
C LEU A 45 -5.48 4.82 1.33
N GLY A 46 -5.89 4.76 0.07
CA GLY A 46 -7.25 5.13 -0.33
C GLY A 46 -7.58 4.73 -1.76
N HIS A 47 -8.68 5.26 -2.27
CA HIS A 47 -9.12 5.01 -3.65
C HIS A 47 -10.08 6.09 -4.16
N GLY A 51 -9.36 3.69 -9.24
CA GLY A 51 -8.02 4.21 -8.97
C GLY A 51 -7.66 4.18 -7.50
N GLU A 52 -6.88 3.18 -7.11
CA GLU A 52 -6.45 3.01 -5.72
C GLU A 52 -5.04 3.57 -5.49
N VAL A 53 -4.78 3.96 -4.24
CA VAL A 53 -3.50 4.53 -3.85
C VAL A 53 -2.84 3.66 -2.77
N TYR A 54 -1.54 3.45 -2.90
CA TYR A 54 -0.77 2.65 -1.96
C TYR A 54 0.41 3.42 -1.40
N GLU A 55 0.88 3.03 -0.22
CA GLU A 55 2.21 3.39 0.22
C GLU A 55 3.17 2.41 -0.43
N GLY A 56 4.27 2.94 -0.98
CA GLY A 56 5.25 2.11 -1.66
C GLY A 56 6.67 2.53 -1.35
N GLN A 57 7.62 1.80 -1.90
CA GLN A 57 9.01 2.21 -1.88
C GLN A 57 9.71 1.85 -3.18
N VAL A 58 10.67 2.67 -3.57
CA VAL A 58 11.43 2.48 -4.79
C VAL A 58 12.88 2.19 -4.43
N SER A 59 13.36 1.03 -4.87
CA SER A 59 14.74 0.58 -4.63
C SER A 59 15.49 0.43 -5.95
N PRO A 65 18.90 -0.50 1.14
CA PRO A 65 19.74 0.32 2.02
C PRO A 65 19.01 1.58 2.47
N SER A 66 18.81 2.51 1.55
CA SER A 66 17.98 3.69 1.80
C SER A 66 16.98 3.87 0.66
N PRO A 67 15.92 3.03 0.63
CA PRO A 67 14.93 3.13 -0.43
C PRO A 67 14.17 4.45 -0.33
N LEU A 68 13.49 4.83 -1.41
CA LEU A 68 12.66 6.00 -1.40
C LEU A 68 11.21 5.57 -1.18
N GLN A 69 10.61 6.01 -0.08
CA GLN A 69 9.21 5.73 0.15
C GLN A 69 8.33 6.73 -0.61
N VAL A 70 7.28 6.20 -1.22
CA VAL A 70 6.46 6.96 -2.17
C VAL A 70 4.99 6.57 -2.00
N ALA A 71 4.13 7.32 -2.69
CA ALA A 71 2.74 6.93 -2.87
C ALA A 71 2.56 6.46 -4.31
N VAL A 72 1.79 5.38 -4.46
CA VAL A 72 1.60 4.74 -5.76
C VAL A 72 0.13 4.80 -6.16
N LYS A 73 -0.15 5.59 -7.20
CA LYS A 73 -1.50 5.71 -7.76
C LYS A 73 -1.59 4.75 -8.93
N THR A 74 -2.58 3.88 -8.91
CA THR A 74 -2.73 2.83 -9.93
C THR A 74 -3.88 3.12 -10.89
N LEU A 75 -3.73 2.65 -12.11
CA LEU A 75 -4.81 2.64 -13.09
C LEU A 75 -5.41 1.23 -13.14
N PRO A 76 -6.73 1.10 -12.92
CA PRO A 76 -7.38 -0.21 -13.06
C PRO A 76 -7.09 -0.83 -14.42
N GLU A 77 -6.78 -2.13 -14.41
CA GLU A 77 -6.48 -2.85 -15.65
C GLU A 77 -7.67 -2.93 -16.58
N VAL A 78 -8.86 -3.11 -16.02
CA VAL A 78 -10.11 -3.02 -16.76
C VAL A 78 -10.67 -1.62 -16.61
N CYS A 79 -10.42 -0.78 -17.61
CA CYS A 79 -10.85 0.61 -17.62
C CYS A 79 -11.18 1.04 -19.04
N SER A 80 -11.88 2.17 -19.17
CA SER A 80 -12.20 2.73 -20.48
C SER A 80 -10.97 3.33 -21.16
N GLU A 81 -11.09 3.64 -22.45
CA GLU A 81 -10.03 4.32 -23.19
C GLU A 81 -9.80 5.73 -22.63
N GLN A 82 -10.90 6.40 -22.27
CA GLN A 82 -10.84 7.72 -21.67
C GLN A 82 -10.10 7.68 -20.33
N ASP A 83 -10.32 6.63 -19.53
CA ASP A 83 -9.61 6.44 -18.27
C ASP A 83 -8.10 6.37 -18.49
N GLU A 84 -7.68 5.60 -19.48
CA GLU A 84 -6.26 5.50 -19.87
C GLU A 84 -5.69 6.88 -20.21
N LEU A 85 -6.41 7.61 -21.05
CA LEU A 85 -5.98 8.94 -21.51
C LEU A 85 -5.91 9.98 -20.39
N ASP A 86 -6.92 9.97 -19.51
CA ASP A 86 -6.94 10.86 -18.34
C ASP A 86 -5.75 10.60 -17.42
N PHE A 87 -5.47 9.31 -17.21
CA PHE A 87 -4.36 8.86 -16.36
C PHE A 87 -3.01 9.33 -16.90
N LEU A 88 -2.80 9.17 -18.20
CA LEU A 88 -1.57 9.61 -18.84
C LEU A 88 -1.42 11.13 -18.82
N MET A 89 -2.52 11.83 -19.11
CA MET A 89 -2.50 13.30 -19.13
C MET A 89 -2.17 13.85 -17.74
N GLU A 90 -2.80 13.29 -16.71
CA GLU A 90 -2.51 13.66 -15.33
C GLU A 90 -1.01 13.59 -15.03
N ALA A 91 -0.39 12.44 -15.36
CA ALA A 91 1.03 12.22 -15.14
C ALA A 91 1.90 13.29 -15.81
N LEU A 92 1.51 13.70 -17.01
CA LEU A 92 2.26 14.72 -17.75
C LEU A 92 2.17 16.05 -17.03
N ILE A 93 0.96 16.39 -16.60
CA ILE A 93 0.69 17.66 -15.91
C ILE A 93 1.47 17.77 -14.60
N ILE A 94 1.32 16.77 -13.73
CA ILE A 94 1.97 16.78 -12.41
C ILE A 94 3.49 16.74 -12.50
N SER A 95 4.02 15.96 -13.44
CA SER A 95 5.48 15.82 -13.61
C SER A 95 6.17 17.15 -13.92
N LYS A 96 5.46 18.06 -14.58
CA LYS A 96 6.03 19.36 -14.96
C LYS A 96 5.88 20.44 -13.89
N PHE A 97 5.00 20.22 -12.91
CA PHE A 97 4.96 21.11 -11.74
C PHE A 97 6.27 20.98 -10.96
N ASN A 98 6.84 22.12 -10.57
CA ASN A 98 8.07 22.11 -9.81
C ASN A 98 8.00 23.16 -8.70
N HIS A 99 7.40 22.76 -7.57
CA HIS A 99 7.24 23.67 -6.44
C HIS A 99 7.07 22.93 -5.10
N GLN A 100 7.67 23.48 -4.05
CA GLN A 100 7.69 22.90 -2.71
C GLN A 100 6.31 22.71 -2.05
N ASN A 101 5.29 23.42 -2.51
CA ASN A 101 3.92 23.25 -1.98
C ASN A 101 2.96 22.59 -2.97
N ILE A 102 3.52 21.76 -3.83
CA ILE A 102 2.77 20.98 -4.78
C ILE A 102 3.41 19.59 -4.77
N VAL A 103 2.63 18.55 -4.49
CA VAL A 103 3.23 17.21 -4.33
C VAL A 103 3.93 16.72 -5.61
N ARG A 104 5.12 16.18 -5.41
CA ARG A 104 5.99 15.75 -6.51
C ARG A 104 5.51 14.48 -7.18
N CYS A 105 5.76 14.39 -8.49
CA CYS A 105 5.72 13.12 -9.20
C CYS A 105 7.17 12.62 -9.28
N ILE A 106 7.43 11.45 -8.70
CA ILE A 106 8.75 10.84 -8.66
C ILE A 106 9.07 10.21 -10.02
N GLY A 107 8.05 9.63 -10.63
CA GLY A 107 8.19 8.89 -11.87
C GLY A 107 6.93 8.11 -12.13
N VAL A 108 6.99 7.25 -13.13
CA VAL A 108 5.85 6.45 -13.53
C VAL A 108 6.31 5.03 -13.79
N SER A 109 5.36 4.10 -13.85
CA SER A 109 5.61 2.76 -14.36
C SER A 109 4.45 2.38 -15.24
N LEU A 110 4.53 2.78 -16.52
CA LEU A 110 3.43 2.61 -17.47
C LEU A 110 3.60 1.40 -18.39
N GLN A 111 4.79 0.80 -18.35
CA GLN A 111 5.13 -0.32 -19.24
C GLN A 111 4.79 -1.68 -18.62
N SER A 112 4.20 -1.66 -17.43
CA SER A 112 3.70 -2.87 -16.79
C SER A 112 2.29 -2.62 -16.29
N LEU A 113 1.52 -3.69 -16.12
CA LEU A 113 0.13 -3.58 -15.67
C LEU A 113 -0.04 -4.13 -14.26
N PRO A 114 -0.81 -3.42 -13.41
CA PRO A 114 -1.45 -2.14 -13.70
C PRO A 114 -0.46 -0.98 -13.75
N ARG A 115 -0.80 0.07 -14.50
CA ARG A 115 0.09 1.23 -14.63
C ARG A 115 0.12 2.05 -13.33
N PHE A 116 1.31 2.53 -12.96
CA PHE A 116 1.51 3.34 -11.75
C PHE A 116 1.91 4.78 -12.08
N ILE A 117 1.51 5.71 -11.22
CA ILE A 117 2.15 7.03 -11.12
C ILE A 117 2.73 7.10 -9.70
N LEU A 118 4.00 7.50 -9.61
CA LEU A 118 4.68 7.55 -8.31
C LEU A 118 4.76 8.98 -7.80
N LEU A 119 4.25 9.18 -6.59
CA LEU A 119 4.11 10.51 -6.01
C LEU A 119 4.84 10.64 -4.69
N GLU A 120 5.22 11.88 -4.37
CA GLU A 120 5.73 12.25 -3.05
C GLU A 120 4.74 11.78 -1.98
N LEU A 121 5.20 10.94 -1.06
CA LEU A 121 4.35 10.39 0.00
C LEU A 121 4.02 11.46 1.03
N MET A 122 2.72 11.69 1.21
CA MET A 122 2.26 12.70 2.16
C MET A 122 1.65 11.95 3.35
N ALA A 123 2.48 11.79 4.38
CA ALA A 123 2.18 10.89 5.48
C ALA A 123 1.12 11.45 6.42
N GLY A 124 0.85 12.75 6.31
CA GLY A 124 -0.18 13.42 7.11
C GLY A 124 -1.59 13.31 6.55
N GLY A 125 -1.73 12.71 5.37
CA GLY A 125 -3.03 12.55 4.74
C GLY A 125 -3.61 13.85 4.20
N ASP A 126 -4.91 13.84 3.93
CA ASP A 126 -5.58 15.04 3.43
C ASP A 126 -5.91 16.02 4.56
N LEU A 127 -5.92 17.30 4.20
CA LEU A 127 -6.14 18.38 5.13
C LEU A 127 -7.51 18.34 5.82
N LYS A 128 -8.56 17.97 5.08
CA LYS A 128 -9.91 17.91 5.65
C LYS A 128 -10.01 16.88 6.78
N SER A 129 -9.57 15.65 6.52
CA SER A 129 -9.52 14.61 7.55
C SER A 129 -8.67 15.05 8.73
N PHE A 130 -7.52 15.65 8.46
CA PHE A 130 -6.62 16.11 9.52
C PHE A 130 -7.32 17.09 10.46
N LEU A 131 -7.93 18.12 9.91
CA LEU A 131 -8.59 19.16 10.70
C LEU A 131 -9.69 18.56 11.58
N ARG A 132 -10.48 17.67 11.00
CA ARG A 132 -11.56 16.98 11.70
C ARG A 132 -11.08 16.09 12.84
N GLU A 133 -9.99 15.36 12.60
CA GLU A 133 -9.40 14.46 13.60
C GLU A 133 -8.64 15.21 14.68
N THR A 134 -8.11 16.38 14.35
CA THR A 134 -7.21 17.10 15.27
C THR A 134 -7.88 18.33 15.91
N ARG A 135 -9.22 18.38 15.82
CA ARG A 135 -10.00 19.40 16.52
C ARG A 135 -9.71 19.40 18.01
N PRO A 136 -9.49 20.60 18.61
CA PRO A 136 -9.37 20.71 20.06
C PRO A 136 -10.57 20.09 20.78
N ARG A 137 -10.27 19.17 21.69
CA ARG A 137 -11.29 18.46 22.46
C ARG A 137 -10.84 18.35 23.93
N PRO A 138 -11.73 17.92 24.84
CA PRO A 138 -11.31 17.65 26.22
C PRO A 138 -10.14 16.67 26.35
N SER A 139 -10.04 15.70 25.43
CA SER A 139 -8.93 14.74 25.41
C SER A 139 -7.60 15.40 25.07
N GLN A 140 -7.60 16.23 24.02
CA GLN A 140 -6.41 16.98 23.61
C GLN A 140 -6.79 18.44 23.29
N PRO A 141 -6.77 19.32 24.31
CA PRO A 141 -7.29 20.69 24.19
C PRO A 141 -6.36 21.65 23.45
N SER A 142 -5.09 21.29 23.31
CA SER A 142 -4.10 22.14 22.66
C SER A 142 -3.56 21.54 21.36
N SER A 143 -4.40 20.71 20.73
CA SER A 143 -4.03 20.00 19.50
C SER A 143 -3.70 20.94 18.34
N LEU A 144 -4.46 22.03 18.21
CA LEU A 144 -4.21 23.05 17.18
C LEU A 144 -4.28 24.47 17.72
N ALA A 145 -3.53 25.36 17.08
CA ALA A 145 -3.58 26.79 17.35
C ALA A 145 -3.80 27.57 16.05
N MET A 146 -4.16 28.85 16.16
CA MET A 146 -4.37 29.72 15.01
C MET A 146 -3.19 29.73 14.05
N LEU A 147 -1.98 29.79 14.59
CA LEU A 147 -0.76 29.84 13.79
C LEU A 147 -0.57 28.60 12.90
N ASP A 148 -0.97 27.43 13.42
CA ASP A 148 -0.98 26.20 12.62
C ASP A 148 -1.87 26.35 11.40
N LEU A 149 -3.04 26.94 11.60
CA LEU A 149 -4.02 27.16 10.53
C LEU A 149 -3.49 28.17 9.50
N LEU A 150 -2.90 29.26 9.99
CA LEU A 150 -2.33 30.26 9.10
C LEU A 150 -1.12 29.76 8.30
N HIS A 151 -0.38 28.80 8.87
CA HIS A 151 0.75 28.18 8.17
C HIS A 151 0.30 27.26 7.04
N VAL A 152 -0.74 26.46 7.31
CA VAL A 152 -1.40 25.68 6.26
C VAL A 152 -1.91 26.62 5.15
N ALA A 153 -2.63 27.66 5.56
CA ALA A 153 -3.20 28.64 4.63
C ALA A 153 -2.12 29.27 3.76
N ARG A 154 -1.02 29.65 4.39
CA ARG A 154 0.13 30.25 3.69
C ARG A 154 0.75 29.25 2.70
N ASP A 155 0.92 28.01 3.16
CA ASP A 155 1.48 26.93 2.33
C ASP A 155 0.71 26.75 1.03
N ILE A 156 -0.62 26.66 1.13
CA ILE A 156 -1.44 26.44 -0.04
C ILE A 156 -1.43 27.68 -0.94
N ALA A 157 -1.58 28.86 -0.34
CA ALA A 157 -1.46 30.13 -1.06
C ALA A 157 -0.18 30.21 -1.87
N CYS A 158 0.91 29.69 -1.32
CA CYS A 158 2.21 29.62 -2.02
C CYS A 158 2.17 28.68 -3.24
N GLY A 159 1.55 27.50 -3.10
CA GLY A 159 1.31 26.62 -4.24
C GLY A 159 0.43 27.27 -5.31
N CYS A 160 -0.65 27.89 -4.86
CA CYS A 160 -1.56 28.61 -5.75
C CYS A 160 -0.90 29.74 -6.51
N GLN A 161 0.01 30.47 -5.85
CA GLN A 161 0.71 31.57 -6.49
C GLN A 161 1.62 31.05 -7.62
N TYR A 162 2.25 29.91 -7.36
CA TYR A 162 3.06 29.22 -8.38
C TYR A 162 2.21 28.84 -9.59
N LEU A 163 1.06 28.20 -9.34
CA LEU A 163 0.13 27.86 -10.42
C LEU A 163 -0.32 29.10 -11.20
N GLU A 164 -0.69 30.15 -10.47
CA GLU A 164 -1.11 31.43 -11.06
C GLU A 164 -0.03 32.07 -11.93
N GLU A 165 1.21 32.10 -11.41
CA GLU A 165 2.36 32.64 -12.13
C GLU A 165 2.65 31.89 -13.42
N ASN A 166 2.30 30.61 -13.46
CA ASN A 166 2.55 29.75 -14.60
C ASN A 166 1.31 29.55 -15.47
N HIS A 167 0.29 30.36 -15.17
CA HIS A 167 -0.94 30.43 -15.96
C HIS A 167 -1.70 29.11 -15.94
N PHE A 168 -1.64 28.42 -14.80
CA PHE A 168 -2.37 27.19 -14.61
C PHE A 168 -3.50 27.44 -13.61
N ILE A 169 -4.71 27.03 -13.99
CA ILE A 169 -5.88 27.15 -13.14
C ILE A 169 -6.25 25.77 -12.64
N HIS A 170 -6.32 25.63 -11.32
CA HIS A 170 -6.54 24.34 -10.69
C HIS A 170 -8.00 23.90 -10.79
N ARG A 171 -8.92 24.81 -10.44
CA ARG A 171 -10.38 24.62 -10.54
C ARG A 171 -11.04 23.94 -9.34
N ASP A 172 -10.25 23.39 -8.41
CA ASP A 172 -10.83 22.75 -7.22
C ASP A 172 -9.93 22.87 -5.98
N ILE A 173 -9.58 24.11 -5.65
CA ILE A 173 -8.81 24.37 -4.43
C ILE A 173 -9.72 24.16 -3.23
N ALA A 174 -9.60 22.98 -2.62
CA ALA A 174 -10.44 22.55 -1.52
C ALA A 174 -9.60 21.76 -0.52
N ALA A 175 -10.05 21.73 0.74
CA ALA A 175 -9.33 21.03 1.81
C ALA A 175 -9.07 19.55 1.49
N ARG A 176 -10.02 18.91 0.83
CA ARG A 176 -9.90 17.48 0.47
C ARG A 176 -8.73 17.25 -0.51
N ASN A 177 -8.36 18.29 -1.26
CA ASN A 177 -7.31 18.18 -2.29
C ASN A 177 -5.94 18.67 -1.84
N CYS A 178 -5.85 19.02 -0.55
CA CYS A 178 -4.59 19.41 0.06
C CYS A 178 -4.08 18.24 0.90
N LEU A 179 -2.79 17.98 0.79
CA LEU A 179 -2.17 16.89 1.55
C LEU A 179 -1.09 17.45 2.49
N LEU A 180 -0.81 16.73 3.57
CA LEU A 180 0.18 17.15 4.57
C LEU A 180 1.37 16.20 4.64
N THR A 181 2.57 16.76 4.72
CA THR A 181 3.80 15.96 4.71
C THR A 181 3.86 14.94 5.85
N CYS A 182 3.44 15.37 7.04
CA CYS A 182 3.53 14.56 8.26
C CYS A 182 2.47 15.01 9.28
N PRO A 183 1.95 14.06 10.09
CA PRO A 183 0.91 14.41 11.06
C PRO A 183 1.35 15.39 12.14
N GLY A 184 2.59 15.26 12.60
CA GLY A 184 3.08 16.08 13.71
C GLY A 184 3.39 17.52 13.32
N PRO A 185 4.02 18.28 14.25
CA PRO A 185 4.44 19.66 13.99
C PRO A 185 5.53 19.71 12.91
N GLY A 186 5.70 20.87 12.29
CA GLY A 186 6.60 20.99 11.14
C GLY A 186 5.94 20.47 9.87
N ARG A 187 4.63 20.24 9.94
CA ARG A 187 3.86 19.78 8.80
C ARG A 187 3.85 20.86 7.71
N VAL A 188 3.83 20.41 6.46
CA VAL A 188 3.73 21.29 5.31
C VAL A 188 2.53 20.84 4.49
N ALA A 189 1.63 21.78 4.21
CA ALA A 189 0.49 21.54 3.32
C ALA A 189 0.91 21.75 1.87
N LYS A 190 0.40 20.88 1.00
CA LYS A 190 0.70 20.97 -0.43
C LYS A 190 -0.56 20.67 -1.24
N ILE A 191 -0.62 21.21 -2.46
CA ILE A 191 -1.72 20.87 -3.37
C ILE A 191 -1.36 19.50 -3.95
N GLY A 192 -2.24 18.53 -3.73
CA GLY A 192 -1.94 17.14 -4.02
C GLY A 192 -3.01 16.32 -4.69
N ASP A 193 -4.01 16.99 -5.26
CA ASP A 193 -5.06 16.33 -6.03
C ASP A 193 -5.80 17.33 -6.92
N PHE A 194 -6.33 16.84 -8.03
CA PHE A 194 -7.25 17.61 -8.86
C PHE A 194 -8.69 17.30 -8.47
N GLY A 195 -9.60 18.15 -8.92
CA GLY A 195 -11.03 17.89 -8.77
C GLY A 195 -11.51 16.87 -9.80
N GLY A 210 -27.06 18.00 -15.24
CA GLY A 210 -26.10 16.89 -15.27
C GLY A 210 -24.71 17.31 -14.81
N CYS A 211 -24.65 17.93 -13.64
CA CYS A 211 -23.40 18.42 -13.06
C CYS A 211 -23.32 18.16 -11.55
N ALA A 212 -23.79 16.99 -11.13
CA ALA A 212 -23.88 16.66 -9.70
C ALA A 212 -22.51 16.40 -9.04
N MET A 213 -21.46 16.33 -9.85
CA MET A 213 -20.11 16.11 -9.36
C MET A 213 -19.31 17.41 -9.21
N LEU A 214 -19.73 18.47 -9.93
CA LEU A 214 -19.05 19.76 -9.87
C LEU A 214 -18.93 20.27 -8.44
N PRO A 215 -17.75 20.81 -8.07
CA PRO A 215 -17.54 21.35 -6.72
C PRO A 215 -18.19 22.72 -6.57
N VAL A 216 -19.52 22.72 -6.55
CA VAL A 216 -20.30 23.96 -6.56
C VAL A 216 -19.94 24.89 -5.40
N LYS A 217 -19.75 24.32 -4.22
CA LYS A 217 -19.52 25.11 -3.02
C LYS A 217 -18.17 25.83 -3.02
N TRP A 218 -17.33 25.50 -4.01
CA TRP A 218 -16.01 26.12 -4.16
C TRP A 218 -15.91 27.01 -5.39
N MET A 219 -17.01 27.15 -6.12
CA MET A 219 -17.00 27.85 -7.40
C MET A 219 -17.59 29.26 -7.34
N PRO A 220 -16.96 30.22 -8.04
CA PRO A 220 -17.43 31.60 -8.09
C PRO A 220 -18.69 31.73 -8.97
N PRO A 221 -19.42 32.85 -8.85
CA PRO A 221 -20.65 33.02 -9.62
C PRO A 221 -20.44 32.88 -11.14
N GLU A 222 -19.35 33.44 -11.66
CA GLU A 222 -19.09 33.47 -13.11
C GLU A 222 -18.80 32.10 -13.72
N ALA A 223 -18.38 31.14 -12.91
CA ALA A 223 -18.16 29.75 -13.36
C ALA A 223 -19.42 29.14 -13.98
N PHE A 224 -20.58 29.50 -13.42
CA PHE A 224 -21.87 29.00 -13.88
C PHE A 224 -22.49 29.91 -14.95
N MET A 225 -21.95 31.11 -15.09
CA MET A 225 -22.46 32.04 -16.07
C MET A 225 -21.79 31.76 -17.41
N GLU A 226 -20.71 32.48 -17.69
CA GLU A 226 -19.95 32.31 -18.91
C GLU A 226 -19.07 31.04 -18.90
N GLY A 227 -19.00 30.39 -17.74
CA GLY A 227 -18.25 29.15 -17.60
C GLY A 227 -16.77 29.31 -17.86
N ILE A 228 -16.31 30.56 -17.87
CA ILE A 228 -14.92 30.88 -18.15
C ILE A 228 -14.11 30.90 -16.86
N PHE A 229 -12.86 30.48 -16.99
CA PHE A 229 -11.95 30.41 -15.86
C PHE A 229 -10.75 31.34 -16.04
N THR A 230 -10.43 32.05 -14.97
CA THR A 230 -9.16 32.76 -14.81
C THR A 230 -8.63 32.32 -13.44
N SER A 231 -7.49 32.86 -13.02
CA SER A 231 -6.97 32.57 -11.69
C SER A 231 -7.83 33.17 -10.58
N LYS A 232 -8.71 34.10 -10.92
CA LYS A 232 -9.64 34.66 -9.96
C LYS A 232 -10.69 33.62 -9.52
N THR A 233 -10.83 32.58 -10.33
CA THR A 233 -11.56 31.36 -9.97
C THR A 233 -10.91 30.68 -8.76
N ASP A 234 -9.59 30.50 -8.83
CA ASP A 234 -8.83 29.88 -7.76
C ASP A 234 -8.81 30.75 -6.51
N THR A 235 -8.75 32.08 -6.70
CA THR A 235 -8.90 33.04 -5.59
C THR A 235 -10.19 32.79 -4.83
N TRP A 236 -11.31 32.68 -5.54
CA TRP A 236 -12.59 32.40 -4.90
C TRP A 236 -12.55 31.10 -4.11
N SER A 237 -12.04 30.03 -4.74
CA SER A 237 -12.02 28.72 -4.09
C SER A 237 -11.13 28.73 -2.87
N PHE A 238 -10.03 29.49 -2.94
CA PHE A 238 -9.13 29.64 -1.80
C PHE A 238 -9.82 30.27 -0.58
N GLY A 239 -10.74 31.21 -0.82
CA GLY A 239 -11.54 31.79 0.26
C GLY A 239 -12.38 30.74 0.96
N VAL A 240 -12.95 29.83 0.17
CA VAL A 240 -13.73 28.70 0.70
C VAL A 240 -12.82 27.73 1.47
N LEU A 241 -11.65 27.43 0.91
CA LEU A 241 -10.63 26.66 1.63
C LEU A 241 -10.28 27.31 2.98
N LEU A 242 -10.06 28.62 2.98
CA LEU A 242 -9.80 29.34 4.24
C LEU A 242 -10.91 29.13 5.26
N TRP A 243 -12.16 29.19 4.80
CA TRP A 243 -13.31 28.93 5.66
C TRP A 243 -13.26 27.49 6.17
N GLU A 244 -12.95 26.55 5.28
CA GLU A 244 -12.78 25.14 5.66
C GLU A 244 -11.72 24.99 6.75
N ILE A 245 -10.58 25.65 6.56
CA ILE A 245 -9.44 25.59 7.49
C ILE A 245 -9.83 26.15 8.86
N PHE A 246 -10.41 27.36 8.88
CA PHE A 246 -10.69 28.02 10.14
C PHE A 246 -11.94 27.51 10.85
N SER A 247 -12.78 26.77 10.11
CA SER A 247 -13.89 26.07 10.73
C SER A 247 -13.45 24.69 11.25
N LEU A 248 -12.19 24.33 10.98
CA LEU A 248 -11.61 23.03 11.33
C LEU A 248 -12.28 21.85 10.62
N GLY A 249 -12.52 22.00 9.32
CA GLY A 249 -12.90 20.88 8.48
C GLY A 249 -14.38 20.67 8.27
N TYR A 250 -15.17 21.71 8.52
CA TYR A 250 -16.61 21.65 8.24
C TYR A 250 -16.91 21.80 6.77
N MET A 251 -18.02 21.20 6.35
CA MET A 251 -18.54 21.36 4.98
C MET A 251 -19.05 22.79 4.83
N PRO A 252 -18.62 23.49 3.77
CA PRO A 252 -19.09 24.85 3.46
C PRO A 252 -20.62 24.90 3.25
N TYR A 253 -21.24 26.03 3.57
CA TYR A 253 -22.70 26.21 3.48
C TYR A 253 -23.45 24.98 4.03
N PRO A 254 -23.30 24.71 5.34
CA PRO A 254 -23.62 23.38 5.88
C PRO A 254 -25.02 22.84 5.57
N SER A 255 -26.04 23.69 5.63
CA SER A 255 -27.43 23.26 5.46
C SER A 255 -27.93 23.39 4.02
N LYS A 256 -27.05 23.84 3.13
CA LYS A 256 -27.41 24.13 1.76
C LYS A 256 -26.89 23.06 0.80
N SER A 257 -27.72 22.72 -0.17
CA SER A 257 -27.34 21.81 -1.24
C SER A 257 -26.63 22.60 -2.34
N ASN A 258 -26.09 21.89 -3.32
CA ASN A 258 -25.39 22.53 -4.44
C ASN A 258 -26.19 23.65 -5.11
N GLN A 259 -27.40 23.35 -5.56
CA GLN A 259 -28.24 24.33 -6.24
C GLN A 259 -28.60 25.50 -5.33
N GLU A 260 -28.91 25.22 -4.06
CA GLU A 260 -29.17 26.27 -3.08
C GLU A 260 -27.97 27.21 -2.97
N VAL A 261 -26.77 26.63 -2.89
CA VAL A 261 -25.55 27.42 -2.80
C VAL A 261 -25.39 28.28 -4.05
N LEU A 262 -25.62 27.68 -5.22
CA LEU A 262 -25.52 28.37 -6.49
C LEU A 262 -26.36 29.66 -6.50
N GLU A 263 -27.64 29.54 -6.16
CA GLU A 263 -28.56 30.67 -6.13
C GLU A 263 -28.21 31.67 -5.01
N PHE A 264 -27.81 31.13 -3.86
CA PHE A 264 -27.37 31.95 -2.71
C PHE A 264 -26.21 32.86 -3.10
N VAL A 265 -25.14 32.25 -3.58
CA VAL A 265 -23.90 32.94 -3.95
C VAL A 265 -24.09 33.93 -5.12
N THR A 266 -24.85 33.50 -6.12
CA THR A 266 -25.15 34.35 -7.29
C THR A 266 -25.91 35.62 -6.91
N SER A 267 -26.81 35.51 -5.94
CA SER A 267 -27.57 36.65 -5.42
C SER A 267 -26.78 37.50 -4.41
N GLY A 268 -25.53 37.12 -4.14
CA GLY A 268 -24.66 37.89 -3.24
C GLY A 268 -24.49 37.32 -1.85
N GLY A 269 -25.15 36.20 -1.57
CA GLY A 269 -25.02 35.51 -0.29
C GLY A 269 -23.62 35.00 0.01
N ARG A 270 -23.16 35.22 1.25
CA ARG A 270 -21.82 34.77 1.69
C ARG A 270 -21.89 34.01 3.02
N MET A 271 -20.91 33.13 3.25
CA MET A 271 -20.83 32.42 4.53
C MET A 271 -20.54 33.36 5.70
N ASP A 272 -21.05 33.00 6.87
CA ASP A 272 -20.65 33.66 8.12
C ASP A 272 -19.22 33.28 8.51
N PRO A 273 -18.59 34.03 9.43
CA PRO A 273 -17.28 33.57 9.89
C PRO A 273 -17.36 32.23 10.63
N PRO A 274 -16.32 31.37 10.50
CA PRO A 274 -16.25 30.17 11.34
C PRO A 274 -16.22 30.60 12.81
N LYS A 275 -16.57 29.68 13.70
CA LYS A 275 -16.54 29.96 15.13
C LYS A 275 -15.17 30.45 15.59
N ASN A 276 -15.16 31.55 16.34
CA ASN A 276 -13.93 32.18 16.88
C ASN A 276 -12.97 32.75 15.84
N CYS A 277 -13.43 32.89 14.60
CA CYS A 277 -12.57 33.36 13.52
C CYS A 277 -12.21 34.82 13.75
N PRO A 278 -10.90 35.12 13.80
CA PRO A 278 -10.45 36.51 13.90
C PRO A 278 -10.99 37.31 12.73
N GLY A 279 -11.35 38.57 12.99
CA GLY A 279 -11.89 39.45 11.96
C GLY A 279 -10.96 39.58 10.77
N PRO A 280 -9.67 39.88 11.02
CA PRO A 280 -8.70 39.96 9.92
C PRO A 280 -8.68 38.76 8.99
N VAL A 281 -8.93 37.56 9.52
CA VAL A 281 -8.94 36.35 8.70
C VAL A 281 -10.22 36.26 7.88
N TYR A 282 -11.34 36.62 8.49
CA TYR A 282 -12.63 36.64 7.80
C TYR A 282 -12.66 37.67 6.67
N ARG A 283 -11.93 38.77 6.84
CA ARG A 283 -11.84 39.79 5.78
C ARG A 283 -11.07 39.28 4.56
N ILE A 284 -10.12 38.37 4.78
CA ILE A 284 -9.45 37.74 3.64
C ILE A 284 -10.46 36.91 2.83
N MET A 285 -11.29 36.15 3.53
CA MET A 285 -12.34 35.33 2.89
C MET A 285 -13.31 36.18 2.06
N THR A 286 -13.82 37.25 2.67
CA THR A 286 -14.80 38.11 2.01
C THR A 286 -14.21 38.89 0.83
N GLN A 287 -12.92 39.20 0.88
CA GLN A 287 -12.23 39.76 -0.30
C GLN A 287 -12.09 38.73 -1.42
N CYS A 288 -11.80 37.48 -1.06
CA CYS A 288 -11.75 36.38 -2.04
C CYS A 288 -13.11 36.15 -2.70
N TRP A 289 -14.19 36.45 -1.98
CA TRP A 289 -15.55 36.24 -2.44
C TRP A 289 -16.23 37.48 -3.01
N GLN A 290 -15.45 38.47 -3.44
CA GLN A 290 -16.02 39.61 -4.15
C GLN A 290 -16.70 39.12 -5.43
N HIS A 291 -17.93 39.57 -5.68
CA HIS A 291 -18.68 39.12 -6.84
C HIS A 291 -17.93 39.39 -8.15
N GLN A 292 -17.36 40.59 -8.27
CA GLN A 292 -16.58 40.95 -9.44
C GLN A 292 -15.17 40.37 -9.31
N PRO A 293 -14.78 39.48 -10.25
CA PRO A 293 -13.44 38.84 -10.24
C PRO A 293 -12.32 39.85 -10.10
N GLU A 294 -12.45 40.98 -10.79
CA GLU A 294 -11.46 42.06 -10.80
C GLU A 294 -11.22 42.63 -9.40
N ASP A 295 -12.23 42.54 -8.54
CA ASP A 295 -12.15 43.06 -7.18
C ASP A 295 -11.51 42.07 -6.20
N ARG A 296 -11.18 40.88 -6.68
CA ARG A 296 -10.57 39.85 -5.85
C ARG A 296 -9.04 39.96 -5.89
N PRO A 297 -8.39 39.69 -4.74
CA PRO A 297 -6.93 39.77 -4.71
C PRO A 297 -6.27 38.63 -5.50
N ASN A 298 -5.11 38.90 -6.07
CA ASN A 298 -4.28 37.82 -6.61
C ASN A 298 -3.56 37.11 -5.45
N PHE A 299 -2.83 36.04 -5.74
CA PHE A 299 -2.22 35.27 -4.65
C PHE A 299 -1.04 35.95 -3.96
N ALA A 300 -0.38 36.87 -4.65
CA ALA A 300 0.63 37.71 -4.03
C ALA A 300 0.03 38.54 -2.89
N ILE A 301 -1.16 39.10 -3.13
CA ILE A 301 -1.86 39.92 -2.14
C ILE A 301 -2.42 39.06 -1.01
N ILE A 302 -2.91 37.87 -1.36
CA ILE A 302 -3.43 36.93 -0.37
C ILE A 302 -2.33 36.54 0.64
N LEU A 303 -1.14 36.24 0.11
CA LEU A 303 0.01 35.91 0.96
C LEU A 303 0.42 37.07 1.89
N GLU A 304 0.41 38.29 1.36
CA GLU A 304 0.73 39.47 2.16
C GLU A 304 -0.23 39.61 3.34
N ARG A 305 -1.52 39.40 3.07
CA ARG A 305 -2.55 39.50 4.10
C ARG A 305 -2.52 38.35 5.10
N ILE A 306 -2.17 37.15 4.64
CA ILE A 306 -1.93 36.03 5.55
C ILE A 306 -0.74 36.35 6.49
N GLU A 307 0.30 36.95 5.93
CA GLU A 307 1.46 37.33 6.73
C GLU A 307 1.18 38.40 7.79
N TYR A 308 0.39 39.42 7.43
CA TYR A 308 -0.04 40.44 8.38
C TYR A 308 -0.85 39.83 9.53
N CYS A 309 -1.71 38.87 9.21
CA CYS A 309 -2.48 38.12 10.21
C CYS A 309 -1.57 37.35 11.15
N THR A 310 -0.56 36.71 10.57
CA THR A 310 0.43 35.91 11.28
C THR A 310 1.27 36.76 12.24
N GLN A 311 1.39 38.05 11.93
CA GLN A 311 2.15 38.99 12.77
C GLN A 311 1.28 39.69 13.82
N ASP A 312 -0.02 39.39 13.83
CA ASP A 312 -0.94 40.05 14.76
C ASP A 312 -1.21 39.16 15.98
N PRO A 313 -0.76 39.60 17.17
CA PRO A 313 -0.92 38.82 18.40
C PRO A 313 -2.38 38.56 18.77
N ASP A 314 -3.26 39.53 18.53
CA ASP A 314 -4.69 39.35 18.78
C ASP A 314 -5.29 38.23 17.91
N VAL A 315 -4.80 38.11 16.67
CA VAL A 315 -5.22 37.03 15.78
C VAL A 315 -4.71 35.67 16.27
N ILE A 316 -3.39 35.54 16.37
CA ILE A 316 -2.76 34.26 16.69
C ILE A 316 -2.95 33.81 18.15
N ASN A 317 -3.38 34.73 19.02
CA ASN A 317 -3.69 34.34 20.39
C ASN A 317 -5.18 34.03 20.63
N THR A 318 -5.96 34.04 19.55
CA THR A 318 -7.35 33.64 19.62
C THR A 318 -7.40 32.14 19.81
N ALA A 319 -8.11 31.72 20.86
CA ALA A 319 -8.32 30.31 21.14
C ALA A 319 -9.31 29.71 20.16
N LEU A 320 -8.96 28.55 19.61
CA LEU A 320 -9.87 27.77 18.79
C LEU A 320 -10.95 27.15 19.67
N PRO A 321 -12.16 26.95 19.13
CA PRO A 321 -13.27 26.37 19.90
C PRO A 321 -13.03 24.91 20.27
N ILE A 322 -13.34 24.56 21.51
CA ILE A 322 -13.21 23.17 21.97
C ILE A 322 -14.50 22.43 21.64
N GLU A 323 -14.41 21.45 20.74
CA GLU A 323 -15.54 20.59 20.41
C GLU A 323 -15.75 19.61 21.56
N TYR A 324 -17.01 19.40 21.93
CA TYR A 324 -17.31 18.64 23.15
C TYR A 324 -17.13 17.12 22.99
N GLY A 325 -16.13 16.60 23.71
CA GLY A 325 -15.84 15.17 23.70
C GLY A 325 -15.43 14.64 25.07
N PRO B 17 -5.80 -10.53 22.71
CA PRO B 17 -7.11 -11.18 22.67
C PRO B 17 -6.99 -12.69 22.82
N ASN B 18 -8.12 -13.39 22.80
CA ASN B 18 -8.12 -14.85 22.81
C ASN B 18 -7.98 -15.45 21.41
N TYR B 19 -7.30 -16.59 21.36
CA TYR B 19 -7.15 -17.36 20.13
C TYR B 19 -7.27 -18.84 20.48
N SER B 20 -8.00 -19.59 19.65
CA SER B 20 -8.19 -21.02 19.86
C SER B 20 -7.71 -21.85 18.67
N PHE B 21 -7.02 -22.94 18.97
CA PHE B 21 -6.46 -23.82 17.96
C PHE B 21 -6.37 -25.25 18.50
N ALA B 22 -6.70 -26.22 17.65
CA ALA B 22 -6.68 -27.64 18.01
C ALA B 22 -7.56 -28.00 19.22
N GLY B 23 -8.52 -27.13 19.53
CA GLY B 23 -9.43 -27.33 20.65
C GLY B 23 -8.89 -26.80 21.96
N LYS B 24 -8.16 -25.69 21.89
CA LYS B 24 -7.55 -25.09 23.08
C LYS B 24 -7.50 -23.57 22.90
N THR B 25 -8.06 -22.84 23.87
CA THR B 25 -8.02 -21.38 23.85
C THR B 25 -6.88 -20.86 24.71
N SER B 26 -6.18 -19.85 24.18
CA SER B 26 -5.05 -19.22 24.87
C SER B 26 -5.05 -17.72 24.58
N SER B 27 -4.22 -16.99 25.32
CA SER B 27 -4.09 -15.54 25.18
C SER B 27 -2.62 -15.11 25.17
N ILE B 28 -2.38 -13.83 24.86
CA ILE B 28 -1.04 -13.23 24.88
C ILE B 28 -0.28 -13.55 26.16
N SER B 29 -1.00 -13.51 27.28
CA SER B 29 -0.42 -13.80 28.59
C SER B 29 0.19 -15.20 28.70
N ASP B 30 -0.23 -16.11 27.82
CA ASP B 30 0.29 -17.48 27.80
C ASP B 30 1.60 -17.61 27.03
N LEU B 31 1.95 -16.61 26.23
CA LEU B 31 3.19 -16.63 25.47
C LEU B 31 4.39 -16.50 26.41
N LYS B 32 5.42 -17.31 26.16
CA LYS B 32 6.63 -17.29 26.97
C LYS B 32 7.43 -16.01 26.68
N GLU B 33 7.48 -15.12 27.68
CA GLU B 33 8.18 -13.85 27.57
C GLU B 33 9.65 -14.01 27.98
N VAL B 34 10.53 -13.76 27.02
CA VAL B 34 11.97 -13.81 27.25
C VAL B 34 12.45 -12.42 27.65
N PRO B 35 13.21 -12.32 28.77
CA PRO B 35 13.77 -11.03 29.18
C PRO B 35 14.61 -10.42 28.07
N ARG B 36 14.42 -9.12 27.83
CA ARG B 36 15.11 -8.40 26.75
C ARG B 36 16.64 -8.50 26.83
N LYS B 37 17.17 -8.46 28.05
CA LYS B 37 18.61 -8.53 28.30
C LYS B 37 19.22 -9.83 27.79
N ASN B 38 18.41 -10.87 27.68
CA ASN B 38 18.85 -12.19 27.23
C ASN B 38 18.93 -12.31 25.70
N ILE B 39 18.54 -11.26 24.99
CA ILE B 39 18.44 -11.29 23.53
C ILE B 39 19.42 -10.33 22.87
N THR B 40 20.29 -10.87 22.02
CA THR B 40 21.24 -10.06 21.27
C THR B 40 21.00 -10.19 19.76
N LEU B 41 20.96 -9.05 19.07
CA LEU B 41 20.84 -9.03 17.61
C LEU B 41 22.22 -9.07 16.95
N ILE B 42 22.34 -9.88 15.90
CA ILE B 42 23.63 -10.13 15.23
C ILE B 42 23.71 -9.47 13.84
N ARG B 43 22.70 -9.71 13.01
CA ARG B 43 22.63 -9.13 11.66
C ARG B 43 21.20 -9.05 11.15
N GLY B 44 20.94 -8.15 10.21
CA GLY B 44 19.65 -8.09 9.53
C GLY B 44 19.54 -9.24 8.54
N LEU B 45 18.31 -9.67 8.26
CA LEU B 45 18.05 -10.74 7.30
C LEU B 45 17.13 -10.28 6.16
N GLY B 46 15.83 -10.19 6.45
CA GLY B 46 14.83 -9.83 5.45
C GLY B 46 14.26 -8.43 5.62
N HIS B 47 14.19 -7.69 4.50
CA HIS B 47 13.73 -6.30 4.49
C HIS B 47 12.24 -6.17 4.85
N GLU B 52 12.25 -4.85 10.59
CA GLU B 52 12.54 -6.01 9.75
C GLU B 52 12.80 -7.27 10.58
N VAL B 53 13.46 -8.25 9.97
CA VAL B 53 13.82 -9.50 10.63
C VAL B 53 15.34 -9.57 10.79
N TYR B 54 15.77 -10.06 11.96
CA TYR B 54 17.18 -10.14 12.30
C TYR B 54 17.58 -11.55 12.69
N GLU B 55 18.86 -11.87 12.52
CA GLU B 55 19.44 -13.05 13.17
C GLU B 55 19.83 -12.64 14.58
N GLY B 56 19.60 -13.54 15.53
CA GLY B 56 19.89 -13.24 16.93
C GLY B 56 20.30 -14.43 17.77
N GLN B 57 20.59 -14.16 19.04
CA GLN B 57 20.83 -15.24 20.00
C GLN B 57 20.19 -14.98 21.35
N VAL B 58 19.64 -16.02 21.94
CA VAL B 58 19.07 -15.96 23.27
C VAL B 58 20.02 -16.63 24.25
N SER B 59 20.52 -15.84 25.20
CA SER B 59 21.41 -16.30 26.26
C SER B 59 20.72 -16.26 27.61
N SER B 66 24.95 -21.98 27.38
CA SER B 66 24.65 -22.38 26.00
C SER B 66 23.67 -21.40 25.33
N PRO B 67 24.14 -20.68 24.29
CA PRO B 67 23.29 -19.71 23.59
C PRO B 67 22.49 -20.34 22.46
N LEU B 68 21.29 -19.81 22.22
CA LEU B 68 20.39 -20.32 21.20
C LEU B 68 20.30 -19.33 20.03
N GLN B 69 20.58 -19.80 18.82
CA GLN B 69 20.44 -19.00 17.61
C GLN B 69 18.97 -18.91 17.20
N VAL B 70 18.50 -17.70 16.95
CA VAL B 70 17.09 -17.46 16.61
C VAL B 70 16.98 -16.42 15.50
N ALA B 71 15.77 -16.29 14.94
CA ALA B 71 15.42 -15.13 14.15
C ALA B 71 14.55 -14.21 15.00
N VAL B 72 14.76 -12.91 14.85
CA VAL B 72 14.02 -11.92 15.62
C VAL B 72 13.21 -11.06 14.67
N LYS B 73 11.89 -11.21 14.74
CA LYS B 73 10.98 -10.36 13.98
C LYS B 73 10.58 -9.17 14.84
N THR B 74 10.79 -7.98 14.31
CA THR B 74 10.54 -6.76 15.08
C THR B 74 9.33 -6.02 14.55
N LEU B 75 8.62 -5.37 15.46
CA LEU B 75 7.56 -4.44 15.12
C LEU B 75 8.15 -3.04 15.19
N PRO B 76 7.87 -2.19 14.18
CA PRO B 76 8.30 -0.79 14.25
C PRO B 76 7.66 -0.11 15.45
N GLU B 77 8.44 0.70 16.16
CA GLU B 77 7.95 1.36 17.38
C GLU B 77 6.80 2.32 17.07
N VAL B 78 6.91 3.04 15.96
CA VAL B 78 5.84 3.89 15.45
C VAL B 78 4.97 3.11 14.45
N CYS B 79 3.83 2.63 14.93
CA CYS B 79 2.90 1.87 14.11
C CYS B 79 1.45 2.00 14.61
N SER B 80 0.50 1.69 13.74
CA SER B 80 -0.92 1.79 14.06
C SER B 80 -1.36 0.73 15.05
N GLU B 81 -2.49 0.97 15.71
CA GLU B 81 -3.11 0.02 16.64
C GLU B 81 -3.35 -1.33 15.97
N GLN B 82 -3.73 -1.29 14.69
CA GLN B 82 -4.02 -2.50 13.93
C GLN B 82 -2.75 -3.30 13.64
N ASP B 83 -1.67 -2.61 13.28
CA ASP B 83 -0.36 -3.25 13.11
C ASP B 83 0.09 -3.93 14.40
N GLU B 84 -0.04 -3.20 15.51
CA GLU B 84 0.24 -3.71 16.85
C GLU B 84 -0.58 -4.98 17.13
N LEU B 85 -1.89 -4.90 16.91
CA LEU B 85 -2.79 -6.04 17.14
C LEU B 85 -2.50 -7.23 16.22
N ASP B 86 -2.19 -6.95 14.95
CA ASP B 86 -1.85 -7.99 13.98
C ASP B 86 -0.59 -8.76 14.39
N PHE B 87 0.42 -8.01 14.79
CA PHE B 87 1.70 -8.54 15.28
C PHE B 87 1.49 -9.46 16.49
N LEU B 88 0.68 -9.00 17.44
CA LEU B 88 0.39 -9.78 18.65
C LEU B 88 -0.38 -11.07 18.35
N MET B 89 -1.38 -10.97 17.49
CA MET B 89 -2.19 -12.14 17.10
C MET B 89 -1.35 -13.14 16.32
N GLU B 90 -0.51 -12.65 15.40
CA GLU B 90 0.43 -13.49 14.66
C GLU B 90 1.30 -14.32 15.60
N ALA B 91 1.81 -13.67 16.64
CA ALA B 91 2.58 -14.33 17.70
C ALA B 91 1.78 -15.46 18.33
N LEU B 92 0.51 -15.20 18.64
CA LEU B 92 -0.37 -16.22 19.22
C LEU B 92 -0.60 -17.39 18.27
N ILE B 93 -0.86 -17.07 16.99
CA ILE B 93 -1.09 -18.10 15.98
C ILE B 93 0.15 -18.99 15.78
N ILE B 94 1.30 -18.37 15.53
CA ILE B 94 2.54 -19.13 15.29
C ILE B 94 2.89 -20.00 16.50
N SER B 95 2.76 -19.45 17.71
CA SER B 95 3.11 -20.18 18.94
C SER B 95 2.35 -21.49 19.13
N LYS B 96 1.10 -21.54 18.66
CA LYS B 96 0.28 -22.74 18.86
C LYS B 96 0.42 -23.79 17.74
N PHE B 97 1.10 -23.46 16.64
CA PHE B 97 1.44 -24.49 15.65
C PHE B 97 2.51 -25.40 16.25
N ASN B 98 2.30 -26.71 16.15
CA ASN B 98 3.26 -27.69 16.65
C ASN B 98 3.54 -28.74 15.58
N HIS B 99 4.47 -28.42 14.68
CA HIS B 99 4.81 -29.31 13.57
C HIS B 99 6.20 -29.02 13.00
N GLN B 100 6.87 -30.09 12.59
CA GLN B 100 8.26 -30.01 12.10
C GLN B 100 8.46 -29.28 10.78
N ASN B 101 7.38 -29.03 10.04
CA ASN B 101 7.44 -28.33 8.76
C ASN B 101 6.75 -26.97 8.82
N ILE B 102 6.68 -26.45 10.05
CA ILE B 102 6.18 -25.11 10.32
C ILE B 102 7.16 -24.44 11.27
N VAL B 103 7.68 -23.28 10.84
CA VAL B 103 8.67 -22.52 11.60
C VAL B 103 8.18 -22.23 13.02
N ARG B 104 8.99 -22.61 14.01
CA ARG B 104 8.64 -22.47 15.43
C ARG B 104 8.70 -21.04 15.94
N CYS B 105 7.79 -20.72 16.87
CA CYS B 105 7.95 -19.51 17.69
C CYS B 105 8.60 -19.94 18.99
N ILE B 106 9.80 -19.41 19.23
CA ILE B 106 10.61 -19.71 20.43
C ILE B 106 10.07 -18.96 21.65
N GLY B 107 9.51 -17.78 21.41
CA GLY B 107 8.96 -16.96 22.46
C GLY B 107 8.83 -15.55 21.95
N VAL B 108 8.53 -14.64 22.88
CA VAL B 108 8.37 -13.24 22.56
C VAL B 108 9.13 -12.36 23.55
N SER B 109 9.34 -11.11 23.18
CA SER B 109 9.74 -10.07 24.12
C SER B 109 8.89 -8.84 23.82
N LEU B 110 7.69 -8.81 24.39
CA LEU B 110 6.71 -7.79 24.06
C LEU B 110 6.68 -6.63 25.07
N GLN B 111 7.34 -6.81 26.20
CA GLN B 111 7.29 -5.83 27.29
C GLN B 111 8.34 -4.72 27.17
N SER B 112 9.19 -4.82 26.14
CA SER B 112 10.11 -3.73 25.75
C SER B 112 9.88 -3.33 24.29
N LEU B 113 10.31 -2.12 23.94
CA LEU B 113 10.20 -1.60 22.59
C LEU B 113 11.58 -1.53 21.93
N PRO B 114 11.68 -1.95 20.65
CA PRO B 114 10.62 -2.51 19.81
C PRO B 114 10.23 -3.91 20.28
N ARG B 115 8.98 -4.30 20.06
CA ARG B 115 8.50 -5.63 20.44
C ARG B 115 9.11 -6.71 19.54
N PHE B 116 9.47 -7.85 20.14
CA PHE B 116 10.10 -8.95 19.39
C PHE B 116 9.23 -10.22 19.35
N ILE B 117 9.22 -10.89 18.21
CA ILE B 117 8.81 -12.29 18.14
C ILE B 117 10.06 -13.10 17.81
N LEU B 118 10.31 -14.13 18.60
CA LEU B 118 11.49 -14.97 18.40
C LEU B 118 11.09 -16.24 17.65
N LEU B 119 11.77 -16.47 16.52
CA LEU B 119 11.46 -17.60 15.65
C LEU B 119 12.64 -18.54 15.47
N GLU B 120 12.34 -19.79 15.18
CA GLU B 120 13.31 -20.77 14.71
C GLU B 120 14.14 -20.14 13.58
N LEU B 121 15.47 -20.18 13.71
CA LEU B 121 16.33 -19.60 12.68
C LEU B 121 16.43 -20.53 11.47
N MET B 122 16.16 -19.99 10.28
CA MET B 122 16.22 -20.80 9.08
C MET B 122 17.40 -20.33 8.21
N ALA B 123 18.53 -21.05 8.34
CA ALA B 123 19.80 -20.64 7.72
C ALA B 123 19.83 -20.73 6.19
N GLY B 124 18.91 -21.50 5.61
CA GLY B 124 18.82 -21.60 4.14
C GLY B 124 18.00 -20.51 3.46
N GLY B 125 17.44 -19.58 4.24
CA GLY B 125 16.63 -18.50 3.68
C GLY B 125 15.35 -19.00 3.03
N ASP B 126 14.71 -18.13 2.23
CA ASP B 126 13.46 -18.48 1.55
C ASP B 126 13.68 -19.33 0.29
N LEU B 127 12.68 -20.15 0.00
CA LEU B 127 12.75 -21.14 -1.07
C LEU B 127 12.92 -20.55 -2.47
N LYS B 128 12.26 -19.43 -2.75
CA LYS B 128 12.35 -18.81 -4.09
C LYS B 128 13.80 -18.39 -4.38
N SER B 129 14.36 -17.62 -3.46
CA SER B 129 15.74 -17.16 -3.55
C SER B 129 16.73 -18.33 -3.57
N PHE B 130 16.49 -19.35 -2.76
CA PHE B 130 17.30 -20.56 -2.82
C PHE B 130 17.29 -21.20 -4.22
N LEU B 131 16.11 -21.35 -4.80
CA LEU B 131 15.98 -22.00 -6.10
C LEU B 131 16.71 -21.24 -7.20
N ARG B 132 16.49 -19.93 -7.24
CA ARG B 132 17.17 -19.05 -8.19
C ARG B 132 18.70 -19.09 -8.04
N GLU B 133 19.18 -19.03 -6.80
CA GLU B 133 20.62 -18.99 -6.53
C GLU B 133 21.29 -20.34 -6.75
N THR B 134 20.56 -21.42 -6.54
CA THR B 134 21.13 -22.77 -6.58
C THR B 134 20.78 -23.55 -7.87
N ARG B 135 20.14 -22.87 -8.84
CA ARG B 135 19.89 -23.43 -10.18
C ARG B 135 21.18 -24.00 -10.78
N PRO B 136 21.12 -25.23 -11.32
CA PRO B 136 22.27 -25.77 -12.06
C PRO B 136 22.75 -24.82 -13.16
N ARG B 137 24.04 -24.52 -13.13
CA ARG B 137 24.72 -23.69 -14.13
C ARG B 137 26.03 -24.41 -14.48
N PRO B 138 26.72 -24.01 -15.57
CA PRO B 138 28.03 -24.61 -15.86
C PRO B 138 29.01 -24.61 -14.67
N SER B 139 28.98 -23.55 -13.85
CA SER B 139 29.86 -23.45 -12.68
C SER B 139 29.56 -24.52 -11.61
N GLN B 140 28.28 -24.82 -11.41
CA GLN B 140 27.85 -25.88 -10.49
C GLN B 140 26.78 -26.76 -11.16
N PRO B 141 27.21 -27.68 -12.03
CA PRO B 141 26.36 -28.45 -12.96
C PRO B 141 25.28 -29.32 -12.32
N SER B 142 25.50 -29.75 -11.08
CA SER B 142 24.56 -30.62 -10.38
C SER B 142 24.39 -30.24 -8.92
N SER B 143 24.10 -28.95 -8.69
CA SER B 143 23.85 -28.41 -7.35
C SER B 143 22.50 -28.87 -6.79
N LEU B 144 21.53 -29.10 -7.69
CA LEU B 144 20.22 -29.63 -7.32
C LEU B 144 19.85 -30.82 -8.21
N ALA B 145 19.07 -31.73 -7.66
CA ALA B 145 18.54 -32.87 -8.42
C ALA B 145 17.04 -33.00 -8.17
N MET B 146 16.34 -33.78 -9.01
CA MET B 146 14.89 -34.01 -8.85
C MET B 146 14.45 -34.35 -7.43
N LEU B 147 15.18 -35.25 -6.79
CA LEU B 147 14.83 -35.71 -5.44
C LEU B 147 14.92 -34.57 -4.42
N ASP B 148 15.81 -33.61 -4.65
CA ASP B 148 15.88 -32.42 -3.80
C ASP B 148 14.58 -31.64 -3.85
N LEU B 149 14.03 -31.52 -5.06
CA LEU B 149 12.82 -30.75 -5.30
C LEU B 149 11.61 -31.47 -4.72
N LEU B 150 11.57 -32.78 -4.93
CA LEU B 150 10.50 -33.62 -4.40
C LEU B 150 10.48 -33.68 -2.87
N HIS B 151 11.65 -33.58 -2.24
CA HIS B 151 11.71 -33.53 -0.77
C HIS B 151 11.20 -32.20 -0.20
N VAL B 152 11.55 -31.10 -0.85
CA VAL B 152 10.97 -29.78 -0.51
C VAL B 152 9.44 -29.81 -0.66
N ALA B 153 8.98 -30.40 -1.76
CA ALA B 153 7.56 -30.52 -2.07
C ALA B 153 6.82 -31.30 -0.97
N ARG B 154 7.37 -32.47 -0.62
CA ARG B 154 6.85 -33.29 0.47
C ARG B 154 6.84 -32.52 1.80
N ASP B 155 7.97 -31.88 2.12
CA ASP B 155 8.12 -31.10 3.35
C ASP B 155 6.98 -30.09 3.51
N ILE B 156 6.70 -29.31 2.46
CA ILE B 156 5.64 -28.30 2.51
C ILE B 156 4.25 -28.95 2.54
N ALA B 157 4.05 -30.00 1.74
CA ALA B 157 2.79 -30.77 1.74
C ALA B 157 2.48 -31.33 3.13
N CYS B 158 3.53 -31.76 3.84
CA CYS B 158 3.41 -32.29 5.18
C CYS B 158 2.97 -31.21 6.17
N GLY B 159 3.55 -30.02 6.04
CA GLY B 159 3.13 -28.87 6.82
C GLY B 159 1.69 -28.45 6.51
N CYS B 160 1.36 -28.42 5.22
CA CYS B 160 0.03 -28.08 4.73
C CYS B 160 -1.04 -29.06 5.23
N GLN B 161 -0.69 -30.36 5.25
CA GLN B 161 -1.54 -31.40 5.82
C GLN B 161 -1.82 -31.17 7.30
N TYR B 162 -0.80 -30.77 8.06
CA TYR B 162 -0.99 -30.42 9.47
C TYR B 162 -2.02 -29.30 9.65
N LEU B 163 -1.90 -28.24 8.83
CA LEU B 163 -2.85 -27.13 8.83
C LEU B 163 -4.27 -27.57 8.48
N GLU B 164 -4.38 -28.39 7.44
CA GLU B 164 -5.66 -28.91 6.98
C GLU B 164 -6.35 -29.79 8.04
N GLU B 165 -5.56 -30.66 8.69
CA GLU B 165 -6.06 -31.53 9.77
C GLU B 165 -6.59 -30.69 10.93
N ASN B 166 -5.94 -29.56 11.16
CA ASN B 166 -6.29 -28.65 12.23
C ASN B 166 -7.15 -27.50 11.74
N HIS B 167 -7.74 -27.66 10.56
CA HIS B 167 -8.72 -26.73 10.01
C HIS B 167 -8.22 -25.29 9.98
N PHE B 168 -6.94 -25.12 9.65
CA PHE B 168 -6.36 -23.79 9.48
C PHE B 168 -6.09 -23.56 8.00
N ILE B 169 -6.63 -22.47 7.46
CA ILE B 169 -6.40 -22.09 6.08
C ILE B 169 -5.32 -21.02 6.02
N HIS B 170 -4.22 -21.34 5.34
CA HIS B 170 -3.07 -20.44 5.26
C HIS B 170 -3.33 -19.23 4.37
N ARG B 171 -3.85 -19.49 3.16
CA ARG B 171 -4.24 -18.44 2.19
C ARG B 171 -3.14 -17.87 1.29
N ASP B 172 -1.87 -18.12 1.60
CA ASP B 172 -0.78 -17.66 0.72
C ASP B 172 0.39 -18.65 0.65
N ILE B 173 0.09 -19.90 0.36
CA ILE B 173 1.11 -20.90 0.12
C ILE B 173 1.85 -20.53 -1.18
N ALA B 174 3.11 -20.12 -1.02
CA ALA B 174 3.96 -19.69 -2.14
C ALA B 174 5.41 -19.88 -1.75
N ALA B 175 6.28 -20.00 -2.75
CA ALA B 175 7.70 -20.28 -2.53
C ALA B 175 8.37 -19.25 -1.63
N ARG B 176 8.00 -17.97 -1.79
CA ARG B 176 8.52 -16.87 -0.98
C ARG B 176 8.17 -17.01 0.52
N ASN B 177 7.14 -17.79 0.82
CA ASN B 177 6.66 -17.98 2.20
C ASN B 177 7.16 -19.28 2.85
N CYS B 178 8.00 -20.01 2.12
CA CYS B 178 8.67 -21.19 2.65
C CYS B 178 10.12 -20.89 2.93
N LEU B 179 10.61 -21.41 4.06
CA LEU B 179 11.98 -21.18 4.49
C LEU B 179 12.70 -22.53 4.58
N LEU B 180 14.04 -22.49 4.52
CA LEU B 180 14.85 -23.69 4.57
C LEU B 180 15.79 -23.69 5.77
N THR B 181 15.93 -24.84 6.42
CA THR B 181 16.80 -24.93 7.62
C THR B 181 18.26 -24.65 7.31
N CYS B 182 18.72 -25.10 6.14
CA CYS B 182 20.11 -24.90 5.71
C CYS B 182 20.19 -24.98 4.19
N PRO B 183 21.26 -24.41 3.58
CA PRO B 183 21.34 -24.48 2.11
C PRO B 183 21.76 -25.84 1.57
N GLY B 184 22.53 -26.59 2.36
CA GLY B 184 23.12 -27.85 1.91
C GLY B 184 22.18 -29.04 1.99
N PRO B 185 22.71 -30.25 1.71
CA PRO B 185 21.92 -31.48 1.81
C PRO B 185 21.43 -31.69 3.24
N GLY B 186 20.27 -32.32 3.38
CA GLY B 186 19.62 -32.47 4.68
C GLY B 186 18.76 -31.28 5.03
N ARG B 187 18.58 -30.37 4.08
CA ARG B 187 17.70 -29.21 4.25
C ARG B 187 16.28 -29.68 4.44
N VAL B 188 15.54 -28.98 5.31
CA VAL B 188 14.13 -29.23 5.50
C VAL B 188 13.39 -27.93 5.17
N ALA B 189 12.36 -28.04 4.34
CA ALA B 189 11.53 -26.87 4.02
C ALA B 189 10.34 -26.79 4.97
N LYS B 190 10.01 -25.56 5.36
CA LYS B 190 8.92 -25.30 6.29
C LYS B 190 8.13 -24.10 5.84
N ILE B 191 6.83 -24.09 6.15
CA ILE B 191 5.99 -22.90 5.98
C ILE B 191 6.45 -21.89 7.02
N GLY B 192 6.83 -20.70 6.60
CA GLY B 192 7.51 -19.75 7.49
C GLY B 192 7.14 -18.29 7.37
N ASP B 193 6.00 -18.01 6.75
CA ASP B 193 5.51 -16.65 6.57
C ASP B 193 4.04 -16.71 6.17
N PHE B 194 3.29 -15.68 6.54
CA PHE B 194 1.92 -15.51 6.07
C PHE B 194 1.96 -14.55 4.89
N GLY B 195 0.85 -14.47 4.16
CA GLY B 195 0.72 -13.48 3.08
C GLY B 195 0.60 -12.05 3.60
N CYS B 211 -7.73 -5.49 -5.68
CA CYS B 211 -6.57 -5.00 -4.95
C CYS B 211 -5.27 -5.42 -5.62
N ALA B 212 -4.39 -4.44 -5.86
CA ALA B 212 -3.12 -4.66 -6.57
C ALA B 212 -2.05 -5.37 -5.74
N MET B 213 -2.32 -5.55 -4.44
CA MET B 213 -1.42 -6.29 -3.56
C MET B 213 -1.80 -7.77 -3.40
N LEU B 214 -3.01 -8.11 -3.83
CA LEU B 214 -3.50 -9.48 -3.75
C LEU B 214 -2.61 -10.46 -4.53
N PRO B 215 -2.30 -11.63 -3.93
CA PRO B 215 -1.47 -12.64 -4.59
C PRO B 215 -2.31 -13.46 -5.59
N VAL B 216 -2.81 -12.78 -6.62
CA VAL B 216 -3.72 -13.37 -7.61
C VAL B 216 -3.21 -14.68 -8.24
N LYS B 217 -1.93 -14.72 -8.55
CA LYS B 217 -1.33 -15.86 -9.25
C LYS B 217 -1.34 -17.16 -8.42
N TRP B 218 -1.58 -17.04 -7.11
CA TRP B 218 -1.62 -18.21 -6.24
C TRP B 218 -3.03 -18.58 -5.80
N MET B 219 -4.04 -17.84 -6.27
CA MET B 219 -5.42 -18.00 -5.78
C MET B 219 -6.34 -18.76 -6.73
N PRO B 220 -7.17 -19.68 -6.19
CA PRO B 220 -8.18 -20.35 -7.00
C PRO B 220 -9.32 -19.40 -7.40
N PRO B 221 -10.11 -19.77 -8.45
CA PRO B 221 -11.19 -18.92 -8.96
C PRO B 221 -12.15 -18.41 -7.89
N GLU B 222 -12.62 -19.30 -7.00
CA GLU B 222 -13.60 -18.91 -5.98
C GLU B 222 -13.05 -17.91 -4.95
N ALA B 223 -11.73 -17.95 -4.74
CA ALA B 223 -11.08 -17.04 -3.80
C ALA B 223 -11.02 -15.61 -4.33
N PHE B 224 -10.58 -15.46 -5.59
CA PHE B 224 -10.52 -14.12 -6.18
C PHE B 224 -11.85 -13.61 -6.78
N MET B 225 -12.75 -14.54 -7.15
CA MET B 225 -14.08 -14.18 -7.65
C MET B 225 -15.04 -13.79 -6.52
N GLU B 226 -15.03 -14.59 -5.45
CA GLU B 226 -16.07 -14.54 -4.43
C GLU B 226 -15.56 -14.27 -3.02
N GLY B 227 -14.25 -14.43 -2.83
CA GLY B 227 -13.66 -14.28 -1.51
C GLY B 227 -13.99 -15.45 -0.61
N ILE B 228 -14.17 -16.62 -1.23
CA ILE B 228 -14.45 -17.86 -0.50
C ILE B 228 -13.14 -18.60 -0.27
N PHE B 229 -12.86 -18.89 1.00
CA PHE B 229 -11.68 -19.63 1.39
C PHE B 229 -12.09 -20.88 2.16
N THR B 230 -11.52 -22.01 1.76
CA THR B 230 -11.78 -23.30 2.39
C THR B 230 -10.48 -24.11 2.44
N SER B 231 -10.58 -25.40 2.80
CA SER B 231 -9.44 -26.32 2.78
C SER B 231 -8.79 -26.41 1.40
N LYS B 232 -9.64 -26.31 0.36
CA LYS B 232 -9.22 -26.53 -1.01
C LYS B 232 -8.58 -25.30 -1.65
N THR B 233 -8.55 -24.20 -0.89
CA THR B 233 -7.82 -22.98 -1.26
C THR B 233 -6.32 -23.25 -1.28
N ASP B 234 -5.82 -23.78 -0.17
CA ASP B 234 -4.42 -24.11 -0.01
C ASP B 234 -3.96 -25.18 -1.04
N THR B 235 -4.86 -26.09 -1.41
CA THR B 235 -4.55 -27.10 -2.45
C THR B 235 -4.19 -26.43 -3.77
N TRP B 236 -5.00 -25.47 -4.21
CA TRP B 236 -4.75 -24.78 -5.46
C TRP B 236 -3.40 -24.06 -5.38
N SER B 237 -3.18 -23.32 -4.31
CA SER B 237 -1.93 -22.59 -4.10
C SER B 237 -0.72 -23.53 -4.06
N PHE B 238 -0.87 -24.70 -3.45
CA PHE B 238 0.20 -25.69 -3.45
C PHE B 238 0.56 -26.11 -4.88
N GLY B 239 -0.43 -26.22 -5.76
CA GLY B 239 -0.18 -26.50 -7.18
C GLY B 239 0.77 -25.51 -7.83
N VAL B 240 0.54 -24.22 -7.55
CA VAL B 240 1.37 -23.14 -8.06
C VAL B 240 2.77 -23.18 -7.44
N LEU B 241 2.84 -23.48 -6.14
CA LEU B 241 4.13 -23.68 -5.45
C LEU B 241 4.94 -24.80 -6.10
N LEU B 242 4.26 -25.91 -6.39
CA LEU B 242 4.86 -27.02 -7.14
C LEU B 242 5.46 -26.54 -8.46
N TRP B 243 4.70 -25.76 -9.22
CA TRP B 243 5.21 -25.15 -10.45
C TRP B 243 6.46 -24.31 -10.18
N GLU B 244 6.41 -23.51 -9.11
CA GLU B 244 7.55 -22.67 -8.73
C GLU B 244 8.79 -23.52 -8.44
N ILE B 245 8.60 -24.62 -7.70
CA ILE B 245 9.70 -25.49 -7.30
C ILE B 245 10.35 -26.13 -8.53
N PHE B 246 9.55 -26.77 -9.37
CA PHE B 246 10.06 -27.49 -10.52
C PHE B 246 10.49 -26.63 -11.70
N SER B 247 10.05 -25.37 -11.73
CA SER B 247 10.60 -24.37 -12.66
C SER B 247 11.90 -23.75 -12.12
N LEU B 248 12.29 -24.14 -10.90
CA LEU B 248 13.48 -23.60 -10.23
C LEU B 248 13.40 -22.11 -9.93
N GLY B 249 12.24 -21.67 -9.42
CA GLY B 249 12.11 -20.34 -8.88
C GLY B 249 11.65 -19.27 -9.86
N TYR B 250 10.95 -19.68 -10.91
CA TYR B 250 10.35 -18.76 -11.87
C TYR B 250 9.05 -18.17 -11.31
N MET B 251 8.75 -16.95 -11.74
CA MET B 251 7.47 -16.31 -11.46
C MET B 251 6.38 -17.03 -12.27
N PRO B 252 5.28 -17.45 -11.60
CA PRO B 252 4.14 -18.07 -12.26
C PRO B 252 3.55 -17.17 -13.34
N TYR B 253 2.94 -17.78 -14.36
CA TYR B 253 2.32 -17.06 -15.48
C TYR B 253 3.23 -15.91 -15.95
N PRO B 254 4.42 -16.25 -16.49
CA PRO B 254 5.54 -15.33 -16.73
C PRO B 254 5.21 -13.96 -17.34
N SER B 255 4.58 -13.96 -18.51
CA SER B 255 4.33 -12.71 -19.24
C SER B 255 2.97 -12.07 -18.93
N LYS B 256 2.37 -12.47 -17.82
CA LYS B 256 1.00 -12.08 -17.51
C LYS B 256 0.89 -11.17 -16.29
N SER B 257 0.03 -10.16 -16.41
CA SER B 257 -0.32 -9.29 -15.30
C SER B 257 -1.40 -9.98 -14.47
N ASN B 258 -1.69 -9.43 -13.29
CA ASN B 258 -2.69 -9.99 -12.40
C ASN B 258 -4.07 -10.16 -13.05
N GLN B 259 -4.52 -9.15 -13.78
CA GLN B 259 -5.82 -9.21 -14.45
C GLN B 259 -5.83 -10.22 -15.60
N GLU B 260 -4.72 -10.28 -16.34
CA GLU B 260 -4.56 -11.27 -17.41
C GLU B 260 -4.62 -12.70 -16.85
N VAL B 261 -4.03 -12.90 -15.66
CA VAL B 261 -4.03 -14.19 -15.00
C VAL B 261 -5.46 -14.52 -14.57
N LEU B 262 -6.10 -13.58 -13.88
CA LEU B 262 -7.50 -13.70 -13.52
C LEU B 262 -8.32 -14.24 -14.70
N GLU B 263 -8.27 -13.53 -15.83
CA GLU B 263 -9.06 -13.89 -17.00
C GLU B 263 -8.64 -15.22 -17.62
N PHE B 264 -7.33 -15.48 -17.61
CA PHE B 264 -6.76 -16.74 -18.09
C PHE B 264 -7.26 -17.93 -17.26
N VAL B 265 -7.05 -17.86 -15.95
CA VAL B 265 -7.49 -18.90 -15.02
C VAL B 265 -8.99 -19.12 -15.08
N THR B 266 -9.74 -18.01 -15.04
CA THR B 266 -11.20 -18.02 -15.11
C THR B 266 -11.72 -18.64 -16.42
N SER B 267 -10.90 -18.62 -17.46
CA SER B 267 -11.31 -19.16 -18.75
C SER B 267 -10.89 -20.63 -18.94
N GLY B 268 -10.26 -21.21 -17.91
CA GLY B 268 -9.76 -22.59 -17.96
C GLY B 268 -8.29 -22.71 -18.34
N GLY B 269 -7.60 -21.59 -18.48
CA GLY B 269 -6.18 -21.61 -18.74
C GLY B 269 -5.38 -22.11 -17.54
N ARG B 270 -4.40 -22.95 -17.82
CA ARG B 270 -3.45 -23.44 -16.81
C ARG B 270 -2.02 -23.27 -17.33
N MET B 271 -1.05 -23.24 -16.42
CA MET B 271 0.36 -23.12 -16.81
C MET B 271 0.84 -24.39 -17.50
N ASP B 272 1.73 -24.23 -18.49
CA ASP B 272 2.41 -25.36 -19.11
C ASP B 272 3.34 -26.03 -18.07
N PRO B 273 3.74 -27.30 -18.32
CA PRO B 273 4.78 -27.90 -17.46
C PRO B 273 6.03 -27.04 -17.43
N PRO B 274 6.71 -26.94 -16.27
CA PRO B 274 8.03 -26.30 -16.26
C PRO B 274 9.01 -27.10 -17.11
N LYS B 275 10.12 -26.48 -17.50
CA LYS B 275 11.13 -27.14 -18.34
C LYS B 275 11.59 -28.46 -17.71
N ASN B 276 11.56 -29.53 -18.51
CA ASN B 276 11.95 -30.89 -18.12
C ASN B 276 11.08 -31.58 -17.06
N CYS B 277 9.96 -30.96 -16.69
CA CYS B 277 9.12 -31.50 -15.61
C CYS B 277 8.59 -32.90 -15.97
N PRO B 278 8.85 -33.89 -15.10
CA PRO B 278 8.28 -35.22 -15.30
C PRO B 278 6.75 -35.19 -15.30
N GLY B 279 6.16 -35.98 -16.18
CA GLY B 279 4.71 -36.08 -16.33
C GLY B 279 3.95 -36.29 -15.02
N PRO B 280 4.33 -37.32 -14.24
CA PRO B 280 3.78 -37.58 -12.90
C PRO B 280 3.72 -36.36 -11.97
N VAL B 281 4.76 -35.52 -11.99
CA VAL B 281 4.79 -34.30 -11.17
C VAL B 281 3.81 -33.26 -11.68
N TYR B 282 3.82 -33.02 -12.99
CA TYR B 282 2.89 -32.05 -13.60
C TYR B 282 1.44 -32.42 -13.35
N ARG B 283 1.14 -33.72 -13.38
CA ARG B 283 -0.22 -34.21 -13.15
C ARG B 283 -0.75 -33.87 -11.77
N ILE B 284 0.13 -33.86 -10.76
CA ILE B 284 -0.24 -33.33 -9.44
C ILE B 284 -0.70 -31.88 -9.54
N MET B 285 0.07 -31.04 -10.25
CA MET B 285 -0.28 -29.63 -10.44
C MET B 285 -1.67 -29.47 -11.05
N THR B 286 -1.95 -30.23 -12.11
CA THR B 286 -3.23 -30.11 -12.81
C THR B 286 -4.40 -30.59 -11.97
N GLN B 287 -4.14 -31.53 -11.05
CA GLN B 287 -5.16 -31.95 -10.10
C GLN B 287 -5.41 -30.89 -9.03
N CYS B 288 -4.35 -30.24 -8.55
CA CYS B 288 -4.47 -29.11 -7.63
C CYS B 288 -5.25 -27.94 -8.23
N TRP B 289 -5.16 -27.77 -9.56
CA TRP B 289 -5.81 -26.67 -10.28
C TRP B 289 -7.17 -27.03 -10.90
N GLN B 290 -7.85 -28.03 -10.35
CA GLN B 290 -9.22 -28.31 -10.78
C GLN B 290 -10.10 -27.13 -10.47
N HIS B 291 -10.96 -26.76 -11.41
CA HIS B 291 -11.85 -25.59 -11.25
C HIS B 291 -12.77 -25.73 -10.05
N GLN B 292 -13.30 -26.93 -9.84
CA GLN B 292 -14.20 -27.16 -8.71
C GLN B 292 -13.40 -27.64 -7.49
N PRO B 293 -13.51 -26.91 -6.36
CA PRO B 293 -12.76 -27.23 -5.15
C PRO B 293 -12.91 -28.69 -4.73
N GLU B 294 -14.11 -29.24 -4.86
CA GLU B 294 -14.39 -30.65 -4.51
C GLU B 294 -13.57 -31.65 -5.34
N ASP B 295 -13.19 -31.26 -6.55
CA ASP B 295 -12.38 -32.12 -7.43
C ASP B 295 -10.88 -32.09 -7.12
N ARG B 296 -10.46 -31.09 -6.35
CA ARG B 296 -9.07 -30.96 -5.92
C ARG B 296 -8.76 -31.97 -4.82
N PRO B 297 -7.55 -32.56 -4.84
CA PRO B 297 -7.15 -33.50 -3.80
C PRO B 297 -6.89 -32.83 -2.45
N ASN B 298 -7.16 -33.56 -1.38
CA ASN B 298 -6.68 -33.17 -0.06
C ASN B 298 -5.17 -33.41 0.07
N PHE B 299 -4.58 -33.03 1.20
CA PHE B 299 -3.12 -33.15 1.32
C PHE B 299 -2.58 -34.55 1.58
N ALA B 300 -3.44 -35.45 2.05
CA ALA B 300 -3.08 -36.88 2.15
C ALA B 300 -2.92 -37.50 0.76
N ILE B 301 -3.77 -37.08 -0.18
CA ILE B 301 -3.67 -37.58 -1.55
C ILE B 301 -2.44 -36.97 -2.21
N ILE B 302 -2.23 -35.66 -2.02
CA ILE B 302 -1.05 -34.97 -2.56
C ILE B 302 0.24 -35.64 -2.08
N LEU B 303 0.32 -35.92 -0.77
CA LEU B 303 1.47 -36.62 -0.21
C LEU B 303 1.69 -38.00 -0.83
N GLU B 304 0.63 -38.76 -1.03
CA GLU B 304 0.72 -40.08 -1.67
C GLU B 304 1.27 -39.98 -3.09
N ARG B 305 0.80 -38.96 -3.81
CA ARG B 305 1.23 -38.73 -5.20
C ARG B 305 2.68 -38.27 -5.29
N ILE B 306 3.11 -37.41 -4.37
CA ILE B 306 4.52 -37.02 -4.27
C ILE B 306 5.38 -38.24 -3.93
N GLU B 307 4.90 -39.05 -2.99
CA GLU B 307 5.57 -40.29 -2.61
C GLU B 307 5.82 -41.22 -3.81
N TYR B 308 4.78 -41.41 -4.62
CA TYR B 308 4.87 -42.22 -5.83
C TYR B 308 5.90 -41.66 -6.83
N CYS B 309 5.97 -40.34 -6.92
CA CYS B 309 6.96 -39.68 -7.78
C CYS B 309 8.40 -39.97 -7.31
N THR B 310 8.61 -39.94 -5.98
CA THR B 310 9.93 -40.17 -5.39
C THR B 310 10.42 -41.61 -5.57
N GLN B 311 9.49 -42.53 -5.75
CA GLN B 311 9.87 -43.93 -5.92
C GLN B 311 10.04 -44.36 -7.39
N ASP B 312 9.52 -43.56 -8.31
CA ASP B 312 9.63 -43.77 -9.75
C ASP B 312 11.03 -43.36 -10.24
N PRO B 313 11.88 -44.34 -10.63
CA PRO B 313 13.25 -44.03 -11.10
C PRO B 313 13.29 -43.09 -12.32
N ASP B 314 12.31 -43.21 -13.21
CA ASP B 314 12.22 -42.34 -14.38
C ASP B 314 12.00 -40.87 -14.00
N VAL B 315 11.32 -40.64 -12.89
CA VAL B 315 11.13 -39.28 -12.39
C VAL B 315 12.44 -38.76 -11.80
N ILE B 316 13.00 -39.52 -10.85
CA ILE B 316 14.13 -39.02 -10.05
C ILE B 316 15.46 -38.99 -10.81
N ASN B 317 15.56 -39.76 -11.89
CA ASN B 317 16.74 -39.74 -12.76
C ASN B 317 16.66 -38.71 -13.90
N THR B 318 15.57 -37.93 -13.91
CA THR B 318 15.42 -36.83 -14.86
C THR B 318 16.35 -35.70 -14.46
N ALA B 319 17.22 -35.30 -15.39
CA ALA B 319 18.15 -34.21 -15.12
C ALA B 319 17.43 -32.87 -15.20
N LEU B 320 17.76 -32.00 -14.25
CA LEU B 320 17.26 -30.64 -14.25
C LEU B 320 17.96 -29.86 -15.35
N PRO B 321 17.28 -28.87 -15.95
CA PRO B 321 17.91 -28.07 -17.00
C PRO B 321 19.01 -27.20 -16.43
N ILE B 322 20.02 -26.93 -17.26
CA ILE B 322 21.14 -26.08 -16.87
C ILE B 322 20.91 -24.65 -17.37
N GLU B 323 20.90 -23.70 -16.44
CA GLU B 323 20.79 -22.28 -16.77
C GLU B 323 22.10 -21.84 -17.44
N TYR B 324 22.03 -21.65 -18.76
CA TYR B 324 23.21 -21.25 -19.52
C TYR B 324 23.30 -19.72 -19.60
N GLY B 325 24.27 -19.17 -18.88
CA GLY B 325 24.46 -17.71 -18.84
C GLY B 325 25.79 -17.30 -18.21
C24 0JF C . -6.09 10.59 0.89
O2 0JF C . -5.82 10.25 2.26
C5 0JF C . -4.50 9.95 2.57
C6 0JF C . -3.42 10.37 1.76
C4 0JF C . -4.25 9.20 3.73
O3 0JF C . -5.28 8.79 4.52
C25 0JF C . -5.66 7.41 4.32
C3 0JF C . -2.93 8.89 4.08
O4 0JF C . -2.67 8.17 5.21
C26 0JF C . -1.91 8.89 6.17
C2 0JF C . -1.88 9.30 3.27
C1 0JF C . -2.10 10.04 2.12
N5 0JF C . -1.01 10.41 1.41
C16 0JF C . -0.89 10.57 0.09
N2 0JF C . -1.93 10.38 -0.74
N1 0JF C . 0.30 10.94 -0.42
C15 0JF C . 0.48 11.13 -1.72
C14 0JF C . -0.58 10.92 -2.60
C13 0JF C . -1.80 10.54 -2.06
N3 0JF C . -2.91 10.34 -2.88
C19 0JF C . -2.78 10.44 -4.34
C18 0JF C . -4.27 10.09 -2.33
C17 0JF C . -5.14 11.30 -2.74
C21 0JF C . -4.98 11.67 -4.23
C20 0JF C . -3.51 11.75 -4.69
C22 0JF C . -3.41 11.94 -6.19
O1 0JF C . -3.86 11.09 -6.96
N4 0JF C . -2.79 13.07 -6.58
C23 0JF C . -2.60 13.41 -8.00
C7 0JF C . -2.13 14.84 -8.07
C8 0JF C . -2.96 15.80 -8.65
C9 0JF C . -2.55 17.14 -8.72
C10 0JF C . -1.30 17.49 -8.21
C27 0JF C . -0.85 18.96 -8.28
C11 0JF C . -0.48 16.54 -7.64
C12 0JF C . -0.88 15.21 -7.56
C24 0JF D . 14.12 -14.53 3.55
O2 0JF D . 15.35 -13.92 3.99
C5 0JF D . 16.11 -14.73 4.79
C6 0JF D . 15.55 -15.45 5.86
C4 0JF D . 17.47 -14.81 4.53
O3 0JF D . 17.99 -14.10 3.47
C25 0JF D . 18.66 -12.88 3.88
C3 0JF D . 18.29 -15.63 5.32
O4 0JF D . 19.62 -15.72 5.07
C26 0JF D . 19.99 -17.01 4.58
C2 0JF D . 17.72 -16.34 6.39
C1 0JF D . 16.35 -16.25 6.67
N5 0JF D . 15.89 -16.97 7.71
C16 0JF D . 14.80 -16.77 8.47
N2 0JF D . 13.92 -15.77 8.22
N1 0JF D . 14.58 -17.59 9.51
C15 0JF D . 13.53 -17.47 10.30
C14 0JF D . 12.60 -16.45 10.06
C13 0JF D . 12.83 -15.59 8.98
N3 0JF D . 11.92 -14.55 8.68
C19 0JF D . 10.74 -14.31 9.54
C18 0JF D . 12.08 -13.71 7.46
C17 0JF D . 10.79 -13.81 6.61
C21 0JF D . 9.52 -13.61 7.48
C20 0JF D . 9.49 -14.54 8.69
C22 0JF D . 8.22 -14.33 9.56
O1 0JF D . 7.90 -13.21 9.93
N4 0JF D . 7.57 -15.44 9.86
C23 0JF D . 6.35 -15.44 10.69
C7 0JF D . 5.58 -16.74 10.50
C8 0JF D . 4.34 -16.71 9.83
C9 0JF D . 3.64 -17.90 9.66
C10 0JF D . 4.16 -19.09 10.13
C27 0JF D . 3.37 -20.40 9.93
C11 0JF D . 5.38 -19.12 10.79
C12 0JF D . 6.10 -17.93 10.97
#